data_7AVQ
#
_entry.id   7AVQ
#
_cell.length_a   70.349
_cell.length_b   78.009
_cell.length_c   86.150
_cell.angle_alpha   90.000
_cell.angle_beta   90.000
_cell.angle_gamma   90.000
#
_symmetry.space_group_name_H-M   'P 21 21 21'
#
loop_
_entity.id
_entity.type
_entity.pdbx_description
1 polymer 'Serine/threonine-protein kinase haspin'
2 non-polymer (2~{R})-2-[[3-(2~{H}-indazol-5-yl)imidazo[1,2-b]pyridazin-6-yl]amino]butan-1-ol
3 non-polymer 'SODIUM ION'
4 non-polymer GLYCEROL
5 non-polymer (4S)-2-METHYL-2,4-PENTANEDIOL
6 water water
#
_entity_poly.entity_id   1
_entity_poly.type   'polypeptide(L)'
_entity_poly.pdbx_seq_one_letter_code
;MHHHHHHSSGVDLGTENLYFQSMGECSQKGPVPFSHCLPTEKLQRCEKIGEGVFGEVFQTIADHTPVAIKIIAIEGPDLV
NGSHQKTFEEILPEIIISKELSLLSGEVCNRTEGFIGLNSVHCVQGSYPPLLLKAWDHYNSTKGSANDRPDFFKDDQLFI
VLEFEFGGIDLEQMRTKLSSLATAKSILHQLTASLAVAEASLRFEHRDLHWGNVLLKKTSLKKLHYTLNGKSSTIPSCGL
QVSIIDYTLSRLERDGIVVFCDVSMDEDLFTGDGDYQFDIYRLMKKENNNRWGEYHPYSNVLWLHYLTDKMLKQMTFKTK
CNTPAMKQIKRKIQEFHRTMLNFSSATDLLCQHSLFK
;
_entity_poly.pdbx_strand_id   A
#
loop_
_chem_comp.id
_chem_comp.type
_chem_comp.name
_chem_comp.formula
GOL non-polymer GLYCEROL 'C3 H8 O3'
MPD non-polymer (4S)-2-METHYL-2,4-PENTANEDIOL 'C6 H14 O2'
NA non-polymer 'SODIUM ION' 'Na 1'
S1Z non-polymer (2~{R})-2-[[3-(2~{H}-indazol-5-yl)imidazo[1,2-b]pyridazin-6-yl]amino]butan-1-ol 'C17 H18 N6 O'
#
# COMPACT_ATOMS: atom_id res chain seq x y z
N GLY A 30 20.31 17.66 -14.51
CA GLY A 30 18.84 17.44 -14.52
C GLY A 30 18.48 15.96 -14.58
N PRO A 31 17.60 15.58 -15.52
CA PRO A 31 17.28 14.14 -15.57
C PRO A 31 18.45 13.26 -16.03
N VAL A 32 18.43 11.98 -15.66
CA VAL A 32 19.41 11.01 -16.15
C VAL A 32 18.77 10.03 -17.13
N PRO A 33 19.57 9.36 -17.98
CA PRO A 33 18.97 8.37 -18.88
C PRO A 33 18.51 7.17 -18.13
N PHE A 34 17.53 6.46 -18.68
CA PHE A 34 16.99 5.28 -18.07
C PHE A 34 18.09 4.27 -17.66
N SER A 35 19.10 4.13 -18.51
CA SER A 35 20.21 3.23 -18.20
C SER A 35 20.98 3.57 -16.93
N HIS A 36 20.91 4.81 -16.46
CA HIS A 36 21.41 5.11 -15.09
C HIS A 36 20.76 4.28 -14.02
N CYS A 37 19.45 4.20 -14.04
CA CYS A 37 18.69 3.44 -13.05
C CYS A 37 18.57 1.97 -13.36
N LEU A 38 18.46 1.68 -14.65
CA LEU A 38 18.17 0.37 -15.11
C LEU A 38 19.20 -0.03 -16.12
N PRO A 39 20.42 -0.35 -15.64
CA PRO A 39 21.40 -0.97 -16.54
C PRO A 39 20.89 -2.30 -17.10
N THR A 40 21.53 -2.77 -18.17
CA THR A 40 21.06 -3.92 -18.91
C THR A 40 20.70 -5.11 -17.99
N GLU A 41 21.56 -5.50 -17.06
CA GLU A 41 21.26 -6.70 -16.29
C GLU A 41 20.05 -6.49 -15.41
N LYS A 42 19.91 -5.31 -14.81
CA LYS A 42 18.75 -4.96 -14.01
C LYS A 42 17.46 -4.99 -14.86
N LEU A 43 17.55 -4.46 -16.09
CA LEU A 43 16.37 -4.47 -16.99
C LEU A 43 16.00 -5.88 -17.41
N GLN A 44 16.99 -6.72 -17.67
CA GLN A 44 16.77 -8.09 -18.08
C GLN A 44 16.09 -8.90 -16.99
N ARG A 45 16.26 -8.54 -15.75
CA ARG A 45 15.60 -9.24 -14.67
C ARG A 45 14.24 -8.65 -14.26
N CYS A 46 13.80 -7.60 -14.92
CA CYS A 46 12.55 -6.98 -14.55
C CYS A 46 11.35 -7.86 -14.92
N GLU A 47 10.44 -7.99 -13.97
CA GLU A 47 9.13 -8.63 -14.21
C GLU A 47 8.09 -7.69 -13.70
N LYS A 48 6.99 -7.51 -14.46
CA LYS A 48 5.98 -6.57 -13.99
C LYS A 48 5.12 -7.22 -12.89
N ILE A 49 4.91 -6.48 -11.83
CA ILE A 49 4.12 -6.96 -10.69
C ILE A 49 2.86 -6.18 -10.39
N GLY A 50 2.70 -4.98 -10.92
CA GLY A 50 1.53 -4.17 -10.63
C GLY A 50 1.46 -2.94 -11.49
N GLU A 51 0.34 -2.22 -11.32
CA GLU A 51 0.02 -1.12 -12.17
C GLU A 51 -1.03 -0.26 -11.52
N GLY A 52 -1.22 0.92 -12.10
CA GLY A 52 -2.35 1.80 -11.77
C GLY A 52 -2.38 2.88 -12.80
N VAL A 53 -3.30 3.85 -12.61
CA VAL A 53 -3.38 4.91 -13.59
C VAL A 53 -2.02 5.61 -13.65
N PHE A 54 -1.35 5.70 -12.50
CA PHE A 54 -0.03 6.35 -12.43
C PHE A 54 1.05 5.76 -13.40
N GLY A 55 0.92 4.51 -13.79
CA GLY A 55 2.00 3.83 -14.52
C GLY A 55 2.19 2.38 -14.04
N GLU A 56 3.46 1.97 -13.80
CA GLU A 56 3.82 0.56 -13.80
C GLU A 56 4.76 0.24 -12.66
N VAL A 57 4.66 -0.98 -12.11
CA VAL A 57 5.55 -1.43 -11.04
C VAL A 57 6.18 -2.73 -11.45
N PHE A 58 7.53 -2.78 -11.37
CA PHE A 58 8.31 -3.94 -11.72
C PHE A 58 9.07 -4.42 -10.55
N GLN A 59 9.33 -5.71 -10.50
CA GLN A 59 10.26 -6.31 -9.56
C GLN A 59 11.54 -6.64 -10.32
N THR A 60 12.72 -6.40 -9.68
CA THR A 60 13.95 -6.74 -10.26
C THR A 60 14.97 -6.99 -9.15
N ILE A 61 16.23 -7.11 -9.53
CA ILE A 61 17.32 -7.39 -8.57
CA ILE A 61 17.30 -7.37 -8.55
C ILE A 61 18.32 -6.26 -8.71
N ALA A 62 18.67 -5.63 -7.58
CA ALA A 62 19.73 -4.60 -7.55
C ALA A 62 20.73 -5.06 -6.49
N ASP A 63 21.97 -5.23 -6.90
CA ASP A 63 23.08 -5.68 -5.96
C ASP A 63 22.62 -6.89 -5.11
N HIS A 64 22.19 -7.92 -5.83
CA HIS A 64 21.76 -9.21 -5.29
C HIS A 64 20.60 -9.13 -4.35
N THR A 65 19.80 -8.04 -4.45
CA THR A 65 18.78 -7.76 -3.55
C THR A 65 17.47 -7.50 -4.35
N PRO A 66 16.36 -8.14 -3.94
CA PRO A 66 15.11 -7.81 -4.68
C PRO A 66 14.64 -6.44 -4.41
N VAL A 67 14.14 -5.75 -5.43
CA VAL A 67 13.56 -4.44 -5.29
C VAL A 67 12.33 -4.30 -6.17
N ALA A 68 11.51 -3.31 -5.85
CA ALA A 68 10.38 -2.93 -6.67
C ALA A 68 10.60 -1.54 -7.21
N ILE A 69 10.31 -1.36 -8.50
CA ILE A 69 10.51 -0.12 -9.22
CA ILE A 69 10.44 -0.06 -9.09
C ILE A 69 9.15 0.43 -9.67
N LYS A 70 8.80 1.64 -9.26
CA LYS A 70 7.55 2.28 -9.70
C LYS A 70 7.91 3.38 -10.65
N ILE A 71 7.33 3.37 -11.85
CA ILE A 71 7.71 4.26 -12.90
C ILE A 71 6.47 5.09 -13.28
N ILE A 72 6.63 6.40 -13.19
CA ILE A 72 5.54 7.34 -13.39
C ILE A 72 5.93 8.37 -14.42
N ALA A 73 5.20 8.49 -15.54
CA ALA A 73 5.45 9.54 -16.54
C ALA A 73 5.06 10.89 -15.99
N ILE A 74 5.89 11.90 -16.20
CA ILE A 74 5.55 13.25 -15.74
C ILE A 74 5.77 14.28 -16.84
N GLU A 75 5.08 15.42 -16.70
CA GLU A 75 5.36 16.65 -17.49
C GLU A 75 4.98 16.67 -18.96
N GLY A 76 4.51 15.55 -19.50
CA GLY A 76 4.18 15.43 -20.92
C GLY A 76 2.71 15.76 -21.17
N PRO A 77 2.33 15.99 -22.43
CA PRO A 77 0.93 16.33 -22.71
C PRO A 77 0.05 15.14 -23.17
N ASP A 78 0.63 13.96 -23.46
CA ASP A 78 -0.18 12.77 -23.86
C ASP A 78 -0.99 12.25 -22.69
N LEU A 79 -2.19 11.73 -23.02
CA LEU A 79 -3.01 11.02 -22.03
C LEU A 79 -2.33 9.73 -21.74
N VAL A 80 -2.35 9.35 -20.46
CA VAL A 80 -1.72 8.12 -20.02
C VAL A 80 -2.71 7.44 -19.11
N ASN A 81 -3.20 6.27 -19.54
CA ASN A 81 -4.16 5.49 -18.74
C ASN A 81 -5.38 6.33 -18.36
N GLY A 82 -5.74 7.23 -19.26
CA GLY A 82 -6.94 7.99 -19.13
C GLY A 82 -6.85 9.27 -18.36
N SER A 83 -5.68 9.58 -17.81
CA SER A 83 -5.46 10.85 -17.18
C SER A 83 -4.32 11.55 -17.84
N HIS A 84 -4.34 12.88 -17.67
CA HIS A 84 -3.15 13.68 -17.91
C HIS A 84 -2.04 13.29 -16.89
N GLN A 85 -0.80 13.47 -17.34
CA GLN A 85 0.38 13.21 -16.52
C GLN A 85 0.52 14.28 -15.50
N LYS A 86 1.06 13.90 -14.35
CA LYS A 86 1.32 14.82 -13.28
C LYS A 86 2.56 15.63 -13.60
N THR A 87 2.64 16.85 -13.06
CA THR A 87 3.87 17.61 -13.02
C THR A 87 4.79 17.07 -11.93
N PHE A 88 6.05 17.50 -11.98
CA PHE A 88 6.99 17.09 -10.94
C PHE A 88 6.44 17.52 -9.57
N GLU A 89 5.91 18.74 -9.50
CA GLU A 89 5.31 19.26 -8.26
C GLU A 89 4.17 18.38 -7.75
N GLU A 90 3.36 17.85 -8.65
CA GLU A 90 2.23 16.99 -8.26
C GLU A 90 2.64 15.56 -7.80
N ILE A 91 3.84 15.13 -8.15
CA ILE A 91 4.38 13.83 -7.68
CA ILE A 91 4.34 13.83 -7.69
C ILE A 91 5.10 13.98 -6.35
N LEU A 92 5.52 15.20 -6.00
CA LEU A 92 6.27 15.37 -4.78
C LEU A 92 5.56 14.83 -3.53
N PRO A 93 4.20 15.04 -3.39
CA PRO A 93 3.55 14.49 -2.22
C PRO A 93 3.78 13.00 -2.01
N GLU A 94 3.64 12.20 -3.04
CA GLU A 94 3.89 10.79 -2.90
C GLU A 94 5.33 10.50 -2.54
N ILE A 95 6.27 11.22 -3.13
CA ILE A 95 7.69 11.05 -2.77
C ILE A 95 7.91 11.34 -1.31
N ILE A 96 7.41 12.48 -0.84
CA ILE A 96 7.55 12.89 0.57
C ILE A 96 6.96 11.86 1.51
N ILE A 97 5.77 11.41 1.17
CA ILE A 97 5.08 10.45 2.04
C ILE A 97 5.85 9.12 2.08
N SER A 98 6.28 8.64 0.90
CA SER A 98 7.04 7.41 0.85
C SER A 98 8.30 7.51 1.74
N LYS A 99 8.97 8.67 1.69
CA LYS A 99 10.14 8.83 2.50
C LYS A 99 9.80 8.82 3.99
N GLU A 100 8.78 9.56 4.40
CA GLU A 100 8.40 9.63 5.83
C GLU A 100 8.02 8.26 6.42
N LEU A 101 7.28 7.49 5.64
CA LEU A 101 6.82 6.18 6.11
C LEU A 101 7.93 5.16 6.14
N SER A 102 8.81 5.28 5.17
CA SER A 102 10.08 4.47 5.19
C SER A 102 10.90 4.74 6.43
N LEU A 103 11.01 6.02 6.82
CA LEU A 103 11.80 6.35 8.01
C LEU A 103 11.29 5.80 9.31
N LEU A 104 10.01 5.50 9.37
CA LEU A 104 9.41 4.98 10.57
C LEU A 104 10.08 3.69 11.04
N SER A 105 10.68 2.94 10.15
CA SER A 105 11.37 1.70 10.58
C SER A 105 12.57 1.96 11.49
N GLY A 106 13.16 3.18 11.41
CA GLY A 106 14.35 3.53 12.14
C GLY A 106 14.14 4.50 13.31
N GLU A 107 12.90 4.88 13.53
CA GLU A 107 12.54 5.79 14.62
C GLU A 107 12.45 5.05 15.94
N VAL A 108 12.23 5.78 17.02
CA VAL A 108 12.31 5.24 18.37
C VAL A 108 10.98 5.35 19.08
N CYS A 109 10.40 6.55 19.20
CA CYS A 109 9.16 6.71 19.97
C CYS A 109 7.94 6.19 19.20
N ASN A 110 7.93 6.40 17.90
CA ASN A 110 6.92 5.87 17.02
C ASN A 110 7.61 5.14 15.89
N ARG A 111 7.66 3.81 16.05
CA ARG A 111 8.48 2.94 15.20
CA ARG A 111 8.50 2.93 15.24
C ARG A 111 7.64 1.81 14.66
N THR A 112 7.69 1.62 13.35
CA THR A 112 7.03 0.46 12.73
C THR A 112 7.77 0.09 11.43
N GLU A 113 7.89 -1.21 11.20
CA GLU A 113 8.33 -1.69 9.89
C GLU A 113 7.19 -1.99 8.93
N GLY A 114 5.97 -1.56 9.25
CA GLY A 114 4.79 -1.98 8.53
C GLY A 114 4.48 -1.27 7.27
N PHE A 115 5.30 -0.27 6.88
CA PHE A 115 5.21 0.30 5.58
C PHE A 115 6.24 -0.34 4.68
N ILE A 116 6.91 0.41 3.81
CA ILE A 116 7.90 -0.21 2.93
C ILE A 116 9.08 0.74 2.82
N GLY A 117 10.26 0.16 2.71
CA GLY A 117 11.46 1.00 2.55
C GLY A 117 11.56 1.65 1.18
N LEU A 118 12.02 2.88 1.14
CA LEU A 118 12.26 3.63 -0.06
C LEU A 118 13.76 3.75 -0.21
N ASN A 119 14.30 3.21 -1.29
CA ASN A 119 15.75 3.22 -1.48
C ASN A 119 16.24 4.43 -2.25
N SER A 120 15.52 4.82 -3.30
CA SER A 120 15.95 5.92 -4.12
C SER A 120 14.82 6.48 -4.94
N VAL A 121 15.05 7.69 -5.42
CA VAL A 121 14.16 8.36 -6.33
C VAL A 121 14.98 9.04 -7.40
N HIS A 122 14.63 8.77 -8.67
CA HIS A 122 15.29 9.42 -9.78
C HIS A 122 14.29 10.01 -10.76
N CYS A 123 14.76 11.05 -11.43
CA CYS A 123 14.06 11.56 -12.61
C CYS A 123 14.86 11.08 -13.82
N VAL A 124 14.21 10.31 -14.71
CA VAL A 124 14.90 9.76 -15.85
C VAL A 124 14.25 10.30 -17.12
N GLN A 125 15.00 10.28 -18.20
CA GLN A 125 14.51 10.75 -19.47
C GLN A 125 14.74 9.69 -20.53
N GLY A 126 13.75 9.47 -21.38
CA GLY A 126 13.87 8.54 -22.49
C GLY A 126 12.59 7.88 -22.91
N SER A 127 12.65 7.16 -24.01
CA SER A 127 11.46 6.37 -24.39
C SER A 127 11.46 5.13 -23.52
N TYR A 128 10.35 4.41 -23.46
CA TYR A 128 10.28 3.29 -22.52
C TYR A 128 11.22 2.20 -23.01
N PRO A 129 12.04 1.63 -22.10
CA PRO A 129 12.91 0.55 -22.57
C PRO A 129 12.15 -0.65 -23.18
N PRO A 130 12.58 -1.13 -24.30
CA PRO A 130 11.95 -2.33 -24.90
C PRO A 130 11.91 -3.54 -23.98
N LEU A 131 12.90 -3.69 -23.11
CA LEU A 131 12.84 -4.80 -22.16
C LEU A 131 11.74 -4.63 -21.12
N LEU A 132 11.42 -3.39 -20.76
CA LEU A 132 10.28 -3.21 -19.88
C LEU A 132 8.96 -3.49 -20.64
N LEU A 133 8.90 -3.07 -21.89
CA LEU A 133 7.71 -3.39 -22.76
C LEU A 133 7.53 -4.91 -22.83
N LYS A 134 8.63 -5.65 -22.94
CA LYS A 134 8.53 -7.11 -22.97
C LYS A 134 7.91 -7.65 -21.66
N ALA A 135 8.37 -7.14 -20.52
CA ALA A 135 7.77 -7.50 -19.26
C ALA A 135 6.29 -7.08 -19.18
N TRP A 136 5.98 -5.89 -19.68
CA TRP A 136 4.62 -5.37 -19.66
C TRP A 136 3.71 -6.35 -20.47
N ASP A 137 4.20 -6.73 -21.62
CA ASP A 137 3.45 -7.66 -22.53
C ASP A 137 3.18 -8.98 -21.80
N HIS A 138 4.19 -9.50 -21.09
CA HIS A 138 4.01 -10.76 -20.38
C HIS A 138 2.93 -10.69 -19.33
N TYR A 139 2.94 -9.62 -18.54
CA TYR A 139 1.89 -9.38 -17.58
C TYR A 139 0.50 -9.27 -18.29
N ASN A 140 0.43 -8.53 -19.39
CA ASN A 140 -0.86 -8.37 -20.07
C ASN A 140 -1.39 -9.72 -20.55
N SER A 141 -0.49 -10.57 -21.02
CA SER A 141 -0.87 -11.90 -21.53
C SER A 141 -1.35 -12.85 -20.45
N THR A 142 -0.88 -12.71 -19.24
CA THR A 142 -1.12 -13.69 -18.19
C THR A 142 -2.16 -13.18 -17.20
N LYS A 143 -2.07 -11.91 -16.80
CA LYS A 143 -2.98 -11.32 -15.86
C LYS A 143 -3.95 -10.32 -16.49
N GLY A 144 -3.62 -9.75 -17.65
CA GLY A 144 -4.46 -8.69 -18.24
C GLY A 144 -4.14 -7.35 -17.60
N SER A 145 -4.07 -6.32 -18.42
CA SER A 145 -3.78 -4.96 -17.97
C SER A 145 -4.96 -4.02 -18.20
N ALA A 146 -5.20 -3.08 -17.31
CA ALA A 146 -6.15 -1.96 -17.58
C ALA A 146 -5.43 -0.72 -18.15
N ASN A 147 -4.12 -0.83 -18.40
CA ASN A 147 -3.36 0.31 -18.89
C ASN A 147 -3.07 0.29 -20.36
N ASP A 148 -2.79 1.45 -20.92
CA ASP A 148 -2.23 1.54 -22.27
C ASP A 148 -0.78 1.00 -22.29
N ARG A 149 -0.43 0.27 -23.36
CA ARG A 149 0.96 -0.18 -23.53
C ARG A 149 1.84 1.06 -23.62
N PRO A 150 2.87 1.14 -22.78
CA PRO A 150 3.64 2.41 -22.68
C PRO A 150 4.67 2.57 -23.80
N ASP A 151 4.27 2.38 -25.03
CA ASP A 151 5.18 2.36 -26.13
C ASP A 151 5.17 3.65 -26.95
N PHE A 152 4.43 4.64 -26.51
CA PHE A 152 4.19 5.85 -27.27
C PHE A 152 5.02 7.05 -26.74
N PHE A 153 5.78 6.83 -25.68
CA PHE A 153 6.61 7.87 -25.11
C PHE A 153 7.84 8.11 -26.00
N LYS A 154 8.17 9.40 -26.21
CA LYS A 154 9.31 9.76 -26.97
C LYS A 154 10.58 9.83 -26.15
N ASP A 155 11.70 10.00 -26.88
CA ASP A 155 13.01 10.03 -26.22
C ASP A 155 13.26 11.27 -25.29
N ASP A 156 12.35 12.26 -25.30
CA ASP A 156 12.43 13.37 -24.32
C ASP A 156 11.51 13.23 -23.16
N GLN A 157 10.75 12.14 -23.07
CA GLN A 157 9.83 11.95 -21.98
C GLN A 157 10.54 11.86 -20.62
N LEU A 158 10.00 12.56 -19.62
CA LEU A 158 10.45 12.41 -18.26
C LEU A 158 9.59 11.42 -17.46
N PHE A 159 10.23 10.72 -16.54
CA PHE A 159 9.61 9.81 -15.61
C PHE A 159 10.23 10.02 -14.23
N ILE A 160 9.44 9.75 -13.21
CA ILE A 160 9.96 9.52 -11.86
C ILE A 160 10.05 8.03 -11.65
N VAL A 161 11.16 7.58 -11.13
CA VAL A 161 11.36 6.17 -10.85
C VAL A 161 11.65 6.04 -9.36
N LEU A 162 10.75 5.38 -8.63
CA LEU A 162 10.90 5.18 -7.18
C LEU A 162 11.36 3.74 -7.01
N GLU A 163 12.47 3.51 -6.30
CA GLU A 163 12.95 2.16 -6.04
C GLU A 163 12.69 1.84 -4.58
N PHE A 164 11.92 0.80 -4.33
CA PHE A 164 11.53 0.38 -2.98
C PHE A 164 12.12 -0.96 -2.63
N GLU A 165 12.27 -1.20 -1.35
CA GLU A 165 12.42 -2.53 -0.83
C GLU A 165 11.30 -3.42 -1.36
N PHE A 166 11.64 -4.67 -1.67
CA PHE A 166 10.62 -5.63 -2.13
C PHE A 166 9.84 -6.09 -0.87
N GLY A 167 8.51 -6.07 -0.98
CA GLY A 167 7.65 -6.35 0.20
C GLY A 167 6.87 -7.63 0.17
N GLY A 168 6.98 -8.39 -0.92
CA GLY A 168 6.24 -9.66 -1.01
C GLY A 168 5.06 -9.56 -1.95
N ILE A 169 4.06 -10.40 -1.69
CA ILE A 169 2.93 -10.63 -2.58
C ILE A 169 1.67 -10.02 -1.95
N ASP A 170 0.82 -9.42 -2.77
CA ASP A 170 -0.35 -8.73 -2.29
C ASP A 170 -1.40 -9.71 -1.73
N LEU A 171 -2.13 -9.18 -0.75
CA LEU A 171 -3.18 -9.93 -0.04
C LEU A 171 -4.21 -10.53 -1.02
N GLU A 172 -4.61 -9.76 -2.03
CA GLU A 172 -5.55 -10.28 -3.02
C GLU A 172 -5.00 -11.54 -3.71
N GLN A 173 -3.71 -11.50 -4.12
CA GLN A 173 -3.08 -12.64 -4.78
CA GLN A 173 -3.08 -12.65 -4.80
C GLN A 173 -2.84 -13.81 -3.84
N MET A 174 -2.85 -13.51 -2.54
CA MET A 174 -2.66 -14.51 -1.49
C MET A 174 -3.99 -15.00 -0.88
N ARG A 175 -5.11 -14.64 -1.47
CA ARG A 175 -6.39 -14.92 -0.89
C ARG A 175 -6.74 -16.39 -0.71
N THR A 176 -6.07 -17.30 -1.42
CA THR A 176 -6.23 -18.72 -1.20
C THR A 176 -5.06 -19.37 -0.52
N LYS A 177 -4.12 -18.58 -0.04
CA LYS A 177 -2.83 -19.11 0.36
C LYS A 177 -2.57 -19.01 1.86
N LEU A 178 -3.39 -18.29 2.62
CA LEU A 178 -3.15 -18.10 4.05
C LEU A 178 -3.51 -19.36 4.84
N SER A 179 -2.80 -19.61 5.93
CA SER A 179 -2.96 -20.81 6.68
C SER A 179 -4.32 -20.89 7.43
N SER A 180 -4.69 -19.84 8.15
CA SER A 180 -5.91 -19.88 8.97
C SER A 180 -6.38 -18.49 9.30
N LEU A 181 -7.50 -18.41 9.98
CA LEU A 181 -7.95 -17.14 10.58
C LEU A 181 -6.98 -16.53 11.62
N ALA A 182 -6.12 -17.36 12.23
CA ALA A 182 -5.07 -16.80 13.12
C ALA A 182 -4.12 -15.93 12.30
N THR A 183 -3.82 -16.37 11.07
CA THR A 183 -3.00 -15.58 10.16
C THR A 183 -3.72 -14.26 9.79
N ALA A 184 -5.03 -14.36 9.56
CA ALA A 184 -5.83 -13.16 9.31
C ALA A 184 -5.78 -12.18 10.50
N LYS A 185 -5.86 -12.70 11.73
CA LYS A 185 -5.79 -11.84 12.91
C LYS A 185 -4.45 -11.10 12.97
N SER A 186 -3.40 -11.86 12.76
CA SER A 186 -2.05 -11.26 12.67
C SER A 186 -1.94 -10.14 11.68
N ILE A 187 -2.47 -10.34 10.49
CA ILE A 187 -2.38 -9.35 9.47
C ILE A 187 -3.19 -8.12 9.91
N LEU A 188 -4.37 -8.33 10.46
CA LEU A 188 -5.18 -7.18 10.90
C LEU A 188 -4.49 -6.40 12.03
N HIS A 189 -3.85 -7.13 12.91
CA HIS A 189 -3.13 -6.52 14.05
C HIS A 189 -1.94 -5.72 13.53
N GLN A 190 -1.19 -6.31 12.60
CA GLN A 190 -0.07 -5.60 12.01
C GLN A 190 -0.48 -4.33 11.33
N LEU A 191 -1.53 -4.43 10.50
CA LEU A 191 -2.02 -3.27 9.79
C LEU A 191 -2.47 -2.15 10.77
N THR A 192 -3.25 -2.55 11.77
CA THR A 192 -3.76 -1.60 12.73
C THR A 192 -2.63 -0.91 13.47
N ALA A 193 -1.67 -1.67 13.89
CA ALA A 193 -0.51 -1.12 14.62
C ALA A 193 0.27 -0.16 13.73
N SER A 194 0.51 -0.53 12.46
CA SER A 194 1.32 0.33 11.63
C SER A 194 0.61 1.62 11.37
N LEU A 195 -0.68 1.54 11.09
CA LEU A 195 -1.49 2.74 10.91
C LEU A 195 -1.54 3.61 12.16
N ALA A 196 -1.63 2.98 13.32
CA ALA A 196 -1.61 3.73 14.58
C ALA A 196 -0.32 4.51 14.79
N VAL A 197 0.79 3.86 14.51
CA VAL A 197 2.07 4.50 14.68
C VAL A 197 2.21 5.70 13.72
N ALA A 198 1.74 5.55 12.49
CA ALA A 198 1.73 6.65 11.53
C ALA A 198 0.78 7.77 11.90
N GLU A 199 -0.37 7.43 12.45
CA GLU A 199 -1.30 8.45 13.00
C GLU A 199 -0.59 9.24 14.07
N ALA A 200 0.08 8.53 14.96
CA ALA A 200 0.76 9.16 16.09
C ALA A 200 1.86 10.06 15.67
N SER A 201 2.67 9.65 14.72
CA SER A 201 3.87 10.40 14.34
CA SER A 201 3.85 10.43 14.38
C SER A 201 3.57 11.47 13.30
N LEU A 202 2.63 11.15 12.39
CA LEU A 202 2.51 11.90 11.12
C LEU A 202 1.07 12.35 10.79
N ARG A 203 0.12 12.05 11.67
CA ARG A 203 -1.31 12.33 11.38
C ARG A 203 -1.62 11.77 9.99
N PHE A 204 -1.22 10.53 9.79
CA PHE A 204 -1.29 9.86 8.49
C PHE A 204 -2.68 9.25 8.22
N GLU A 205 -3.12 9.37 6.98
CA GLU A 205 -4.21 8.55 6.42
C GLU A 205 -3.76 7.94 5.12
N HIS A 206 -3.98 6.66 4.99
CA HIS A 206 -3.53 6.02 3.77
C HIS A 206 -4.44 6.35 2.59
N ARG A 207 -5.76 6.25 2.84
CA ARG A 207 -6.85 6.66 1.93
C ARG A 207 -7.06 5.76 0.69
N ASP A 208 -6.31 4.69 0.57
CA ASP A 208 -6.53 3.75 -0.57
C ASP A 208 -6.05 2.37 -0.24
N LEU A 209 -6.39 1.89 0.95
CA LEU A 209 -5.79 0.65 1.42
C LEU A 209 -6.66 -0.56 1.07
N HIS A 210 -6.84 -0.73 -0.23
CA HIS A 210 -7.46 -1.92 -0.77
C HIS A 210 -6.47 -3.07 -0.68
N TRP A 211 -6.96 -4.29 -0.91
CA TRP A 211 -6.15 -5.47 -0.63
C TRP A 211 -5.01 -5.74 -1.61
N GLY A 212 -4.95 -4.96 -2.66
CA GLY A 212 -3.76 -4.95 -3.48
C GLY A 212 -2.57 -4.21 -2.87
N ASN A 213 -2.86 -3.38 -1.84
CA ASN A 213 -1.87 -2.54 -1.20
C ASN A 213 -1.37 -3.07 0.15
N VAL A 214 -1.67 -4.32 0.44
CA VAL A 214 -1.19 -5.04 1.60
C VAL A 214 -0.30 -6.17 1.09
N LEU A 215 0.99 -6.07 1.35
CA LEU A 215 1.94 -7.11 0.94
C LEU A 215 2.33 -7.99 2.08
N LEU A 216 2.53 -9.26 1.77
CA LEU A 216 2.91 -10.25 2.68
C LEU A 216 4.21 -10.91 2.31
N LYS A 217 5.09 -11.03 3.28
CA LYS A 217 6.37 -11.73 3.12
C LYS A 217 6.63 -12.65 4.24
N LYS A 218 7.20 -13.80 3.92
CA LYS A 218 7.55 -14.80 4.93
C LYS A 218 8.61 -14.27 5.87
N THR A 219 8.46 -14.52 7.14
CA THR A 219 9.48 -14.21 8.16
C THR A 219 9.64 -15.39 9.09
N SER A 220 10.86 -15.65 9.56
CA SER A 220 11.04 -16.64 10.61
C SER A 220 10.92 -16.03 11.99
N LEU A 221 10.76 -14.72 12.12
CA LEU A 221 10.48 -14.12 13.44
C LEU A 221 9.13 -14.56 13.96
N LYS A 222 9.08 -15.00 15.20
CA LYS A 222 7.83 -15.41 15.84
C LYS A 222 6.99 -14.20 16.25
N LYS A 223 7.66 -13.10 16.61
CA LYS A 223 7.01 -11.89 17.14
C LYS A 223 7.58 -10.70 16.38
N LEU A 224 6.72 -9.77 16.03
CA LEU A 224 7.16 -8.53 15.41
C LEU A 224 6.98 -7.41 16.42
N HIS A 225 7.79 -6.33 16.28
CA HIS A 225 7.86 -5.27 17.27
C HIS A 225 7.40 -3.95 16.67
N TYR A 226 6.69 -3.15 17.45
CA TYR A 226 6.37 -1.76 17.11
C TYR A 226 6.48 -0.96 18.42
N THR A 227 6.63 0.36 18.26
CA THR A 227 6.59 1.26 19.40
C THR A 227 5.63 2.38 19.09
N LEU A 228 4.67 2.58 19.98
CA LEU A 228 3.66 3.63 19.85
C LEU A 228 3.81 4.61 21.05
N ASN A 229 4.10 5.89 20.71
CA ASN A 229 4.32 6.93 21.71
C ASN A 229 5.17 6.45 22.86
N GLY A 230 6.23 5.76 22.54
CA GLY A 230 7.23 5.35 23.49
C GLY A 230 7.01 4.00 24.12
N LYS A 231 5.86 3.37 23.89
CA LYS A 231 5.53 2.10 24.51
C LYS A 231 5.71 1.01 23.48
N SER A 232 6.60 0.08 23.72
CA SER A 232 6.83 -0.98 22.76
C SER A 232 5.93 -2.17 23.05
N SER A 233 5.48 -2.84 21.99
CA SER A 233 4.68 -4.05 22.10
C SER A 233 5.08 -5.02 21.00
N THR A 234 4.50 -6.23 21.08
CA THR A 234 4.77 -7.22 20.07
C THR A 234 3.48 -7.80 19.48
N ILE A 235 3.64 -8.38 18.31
CA ILE A 235 2.53 -8.99 17.58
C ILE A 235 3.00 -10.37 17.11
N PRO A 236 2.26 -11.45 17.43
CA PRO A 236 2.66 -12.73 16.81
C PRO A 236 2.53 -12.71 15.31
N SER A 237 3.56 -13.13 14.61
CA SER A 237 3.65 -12.91 13.18
C SER A 237 2.81 -13.93 12.39
N CYS A 238 2.62 -15.13 12.95
CA CYS A 238 2.11 -16.26 12.15
C CYS A 238 2.95 -16.49 10.87
N GLY A 239 4.25 -16.19 10.96
CA GLY A 239 5.15 -16.35 9.83
C GLY A 239 5.13 -15.36 8.72
N LEU A 240 4.41 -14.26 8.88
CA LEU A 240 4.32 -13.27 7.85
C LEU A 240 4.55 -11.86 8.39
N GLN A 241 5.18 -11.07 7.57
CA GLN A 241 5.39 -9.67 7.83
CA GLN A 241 5.37 -9.68 7.85
C GLN A 241 4.62 -8.88 6.81
N VAL A 242 3.80 -7.95 7.26
CA VAL A 242 2.96 -7.13 6.40
C VAL A 242 3.64 -5.80 6.04
N SER A 243 3.53 -5.38 4.78
CA SER A 243 3.93 -4.04 4.37
C SER A 243 2.82 -3.34 3.62
N ILE A 244 2.48 -2.16 4.07
CA ILE A 244 1.47 -1.31 3.48
C ILE A 244 2.19 -0.44 2.42
N ILE A 245 1.66 -0.43 1.21
CA ILE A 245 2.27 0.27 0.08
C ILE A 245 1.30 1.21 -0.58
N ASP A 246 1.82 1.99 -1.54
CA ASP A 246 1.13 2.85 -2.48
C ASP A 246 0.46 4.07 -1.82
N TYR A 247 1.21 5.18 -1.79
CA TYR A 247 0.81 6.38 -1.10
C TYR A 247 0.28 7.48 -2.00
N THR A 248 -0.21 7.07 -3.17
CA THR A 248 -0.76 7.99 -4.16
C THR A 248 -1.84 8.91 -3.62
N LEU A 249 -2.74 8.37 -2.77
CA LEU A 249 -3.84 9.17 -2.26
C LEU A 249 -3.63 9.61 -0.78
N SER A 250 -2.49 9.29 -0.22
CA SER A 250 -2.26 9.47 1.21
C SER A 250 -2.09 10.92 1.65
N ARG A 251 -2.21 11.10 2.97
CA ARG A 251 -2.13 12.42 3.58
C ARG A 251 -1.31 12.31 4.89
N LEU A 252 -0.50 13.34 5.18
CA LEU A 252 0.15 13.40 6.48
C LEU A 252 0.54 14.81 6.73
N GLU A 253 1.10 15.08 7.91
CA GLU A 253 1.59 16.39 8.14
C GLU A 253 2.78 16.37 9.09
N ARG A 254 3.60 17.41 9.02
CA ARG A 254 4.67 17.63 10.02
C ARG A 254 4.75 19.09 10.26
N ASP A 255 4.79 19.44 11.54
CA ASP A 255 4.89 20.81 11.99
C ASP A 255 3.85 21.71 11.33
N GLY A 256 2.63 21.14 11.17
CA GLY A 256 1.53 22.00 10.68
C GLY A 256 1.49 22.09 9.16
N ILE A 257 2.40 21.45 8.46
CA ILE A 257 2.45 21.50 7.00
C ILE A 257 1.87 20.22 6.49
N VAL A 258 0.80 20.31 5.69
CA VAL A 258 0.04 19.10 5.25
C VAL A 258 0.42 18.74 3.83
N VAL A 259 0.65 17.48 3.62
CA VAL A 259 0.93 16.90 2.31
C VAL A 259 -0.18 15.89 1.98
N PHE A 260 -0.84 16.07 0.82
CA PHE A 260 -2.01 15.22 0.49
C PHE A 260 -2.32 15.30 -0.99
N CYS A 261 -3.18 14.38 -1.40
CA CYS A 261 -3.76 14.40 -2.75
C CYS A 261 -5.18 14.97 -2.74
N ASP A 262 -5.34 16.14 -3.34
CA ASP A 262 -6.64 16.81 -3.32
C ASP A 262 -7.55 16.19 -4.39
N VAL A 263 -8.45 15.30 -3.96
CA VAL A 263 -9.37 14.63 -4.91
C VAL A 263 -10.76 15.26 -4.86
N SER A 264 -10.89 16.49 -4.38
CA SER A 264 -12.21 17.10 -4.15
C SER A 264 -13.02 17.28 -5.45
N MET A 265 -12.33 17.38 -6.59
CA MET A 265 -12.96 17.56 -7.90
C MET A 265 -12.92 16.29 -8.75
N ASP A 266 -12.45 15.18 -8.22
CA ASP A 266 -12.41 13.92 -8.97
C ASP A 266 -13.87 13.44 -9.00
N GLU A 267 -14.35 13.01 -10.16
CA GLU A 267 -15.70 12.44 -10.27
C GLU A 267 -15.63 10.95 -10.05
N ASP A 268 -14.80 10.34 -10.91
CA ASP A 268 -14.73 8.91 -11.08
C ASP A 268 -14.33 8.14 -9.85
N LEU A 269 -13.44 8.69 -9.03
CA LEU A 269 -13.08 8.05 -7.78
C LEU A 269 -14.32 7.66 -6.92
N PHE A 270 -15.39 8.44 -6.97
CA PHE A 270 -16.55 8.27 -6.10
C PHE A 270 -17.76 7.59 -6.77
N THR A 271 -17.58 7.09 -7.99
CA THR A 271 -18.69 6.46 -8.70
C THR A 271 -18.41 5.01 -9.07
N GLY A 272 -17.49 4.36 -8.36
CA GLY A 272 -17.23 2.94 -8.57
C GLY A 272 -18.35 2.08 -8.00
N ASP A 273 -18.43 0.84 -8.48
CA ASP A 273 -19.46 -0.12 -8.06
CA ASP A 273 -19.46 -0.13 -8.06
C ASP A 273 -18.91 -1.55 -8.09
N GLY A 274 -19.56 -2.46 -7.39
CA GLY A 274 -19.23 -3.88 -7.47
C GLY A 274 -18.30 -4.44 -6.42
N ASP A 275 -17.83 -3.60 -5.50
CA ASP A 275 -16.94 -4.03 -4.42
C ASP A 275 -17.11 -2.97 -3.33
N TYR A 276 -17.08 -3.43 -2.10
CA TYR A 276 -17.07 -2.53 -0.95
C TYR A 276 -15.97 -1.47 -1.01
N GLN A 277 -14.85 -1.79 -1.65
CA GLN A 277 -13.77 -0.80 -1.89
C GLN A 277 -14.35 0.53 -2.36
N PHE A 278 -15.28 0.45 -3.29
CA PHE A 278 -15.76 1.67 -3.94
C PHE A 278 -16.66 2.45 -3.06
N ASP A 279 -17.31 1.78 -2.11
CA ASP A 279 -18.06 2.48 -1.09
C ASP A 279 -17.11 3.27 -0.15
N ILE A 280 -15.93 2.73 0.11
CA ILE A 280 -14.99 3.37 1.06
C ILE A 280 -14.65 4.78 0.57
N TYR A 281 -14.45 4.94 -0.73
CA TYR A 281 -14.16 6.31 -1.24
C TYR A 281 -15.28 7.27 -0.89
N ARG A 282 -16.54 6.84 -1.08
CA ARG A 282 -17.65 7.69 -0.78
C ARG A 282 -17.82 7.93 0.70
N LEU A 283 -17.56 6.91 1.51
CA LEU A 283 -17.64 7.07 2.96
C LEU A 283 -16.55 8.01 3.51
N MET A 284 -15.37 8.01 2.90
CA MET A 284 -14.32 8.95 3.32
C MET A 284 -14.75 10.37 3.00
N LYS A 285 -15.34 10.56 1.82
CA LYS A 285 -15.84 11.88 1.40
C LYS A 285 -16.96 12.39 2.28
N LYS A 286 -17.81 11.48 2.73
CA LYS A 286 -18.82 11.82 3.68
C LYS A 286 -18.21 12.25 5.02
N GLU A 287 -17.24 11.47 5.52
CA GLU A 287 -16.52 11.75 6.78
C GLU A 287 -15.83 13.13 6.77
N ASN A 288 -15.20 13.49 5.66
CA ASN A 288 -14.36 14.71 5.62
C ASN A 288 -15.03 15.89 4.94
N ASN A 289 -16.29 15.75 4.50
CA ASN A 289 -17.02 16.84 3.84
C ASN A 289 -16.30 17.33 2.62
N ASN A 290 -15.66 16.40 1.95
CA ASN A 290 -14.85 16.65 0.78
C ASN A 290 -13.69 17.65 1.00
N ARG A 291 -13.20 17.76 2.25
CA ARG A 291 -12.03 18.57 2.55
C ARG A 291 -10.87 17.62 2.89
N TRP A 292 -10.04 17.35 1.88
CA TRP A 292 -8.98 16.34 1.91
C TRP A 292 -7.71 16.80 2.63
N GLY A 293 -7.57 18.11 2.86
CA GLY A 293 -6.44 18.58 3.68
C GLY A 293 -6.60 18.31 5.17
N GLU A 294 -7.83 18.17 5.66
CA GLU A 294 -8.07 17.91 7.07
C GLU A 294 -7.61 16.53 7.49
N TYR A 295 -7.45 16.35 8.78
CA TYR A 295 -7.09 15.05 9.33
C TYR A 295 -8.34 14.33 9.83
N HIS A 296 -8.62 13.21 9.20
CA HIS A 296 -9.79 12.35 9.60
C HIS A 296 -9.32 10.93 9.69
N PRO A 297 -8.72 10.56 10.82
CA PRO A 297 -8.17 9.19 10.93
C PRO A 297 -9.24 8.08 10.90
N TYR A 298 -10.51 8.45 10.97
CA TYR A 298 -11.58 7.50 10.71
C TYR A 298 -11.47 6.86 9.33
N SER A 299 -10.81 7.53 8.38
CA SER A 299 -10.54 6.82 7.10
C SER A 299 -9.73 5.57 7.22
N ASN A 300 -8.79 5.54 8.17
CA ASN A 300 -8.02 4.34 8.41
C ASN A 300 -8.91 3.20 8.97
N VAL A 301 -9.87 3.57 9.79
CA VAL A 301 -10.84 2.62 10.33
C VAL A 301 -11.66 2.03 9.20
N LEU A 302 -12.16 2.91 8.31
CA LEU A 302 -12.93 2.45 7.17
C LEU A 302 -12.15 1.45 6.33
N TRP A 303 -10.89 1.73 6.04
CA TRP A 303 -10.12 0.73 5.27
C TRP A 303 -9.93 -0.56 6.04
N LEU A 304 -9.70 -0.45 7.34
CA LEU A 304 -9.51 -1.67 8.15
C LEU A 304 -10.78 -2.48 8.16
N HIS A 305 -11.91 -1.80 8.14
CA HIS A 305 -13.23 -2.51 8.06
C HIS A 305 -13.39 -3.20 6.73
N TYR A 306 -13.02 -2.52 5.64
CA TYR A 306 -13.02 -3.14 4.32
C TYR A 306 -12.10 -4.38 4.28
N LEU A 307 -10.94 -4.29 4.94
CA LEU A 307 -10.00 -5.41 4.92
C LEU A 307 -10.49 -6.58 5.74
N THR A 308 -11.12 -6.28 6.87
CA THR A 308 -11.70 -7.30 7.75
C THR A 308 -12.82 -8.05 7.00
N ASP A 309 -13.60 -7.28 6.24
CA ASP A 309 -14.65 -7.79 5.42
C ASP A 309 -14.08 -8.75 4.36
N LYS A 310 -12.99 -8.37 3.71
CA LYS A 310 -12.34 -9.29 2.76
C LYS A 310 -11.88 -10.57 3.43
N MET A 311 -11.33 -10.43 4.65
N MET A 311 -11.38 -10.48 4.65
CA MET A 311 -10.82 -11.58 5.46
CA MET A 311 -10.90 -11.71 5.31
C MET A 311 -11.94 -12.60 5.75
C MET A 311 -11.99 -12.65 5.70
N LEU A 312 -13.14 -12.10 6.06
CA LEU A 312 -14.27 -12.93 6.42
C LEU A 312 -15.02 -13.48 5.24
N LYS A 313 -14.89 -12.85 4.08
CA LYS A 313 -15.75 -13.20 2.93
C LYS A 313 -15.06 -13.72 1.67
N GLN A 314 -13.84 -13.30 1.43
CA GLN A 314 -13.22 -13.57 0.15
C GLN A 314 -11.92 -14.36 0.26
N MET A 315 -11.58 -14.88 1.45
CA MET A 315 -10.38 -15.70 1.61
C MET A 315 -10.70 -17.15 1.80
N THR A 316 -9.79 -17.99 1.31
CA THR A 316 -9.86 -19.46 1.50
CA THR A 316 -9.89 -19.45 1.54
C THR A 316 -8.66 -19.91 2.32
N PHE A 317 -8.89 -20.33 3.55
CA PHE A 317 -7.80 -20.74 4.41
C PHE A 317 -7.46 -22.20 4.21
N LYS A 318 -6.18 -22.49 4.36
CA LYS A 318 -5.71 -23.87 4.24
C LYS A 318 -6.31 -24.73 5.34
N THR A 319 -6.37 -24.18 6.55
CA THR A 319 -7.01 -24.84 7.66
C THR A 319 -8.32 -24.13 7.90
N LYS A 320 -9.39 -24.90 7.90
CA LYS A 320 -10.66 -24.35 8.31
C LYS A 320 -10.69 -24.14 9.82
N CYS A 321 -11.72 -23.40 10.22
CA CYS A 321 -11.94 -23.03 11.62
CA CYS A 321 -11.96 -23.01 11.60
C CYS A 321 -12.79 -24.10 12.32
N ASN A 322 -12.33 -25.35 12.28
CA ASN A 322 -13.06 -26.49 12.88
C ASN A 322 -12.51 -27.01 14.18
N THR A 323 -11.74 -26.19 14.88
CA THR A 323 -11.37 -26.47 16.26
C THR A 323 -11.93 -25.35 17.12
N PRO A 324 -12.11 -25.59 18.42
CA PRO A 324 -12.68 -24.55 19.27
C PRO A 324 -11.80 -23.28 19.32
N ALA A 325 -10.49 -23.48 19.41
CA ALA A 325 -9.55 -22.35 19.39
C ALA A 325 -9.68 -21.45 18.15
N MET A 326 -9.72 -22.08 16.99
CA MET A 326 -9.87 -21.34 15.76
C MET A 326 -11.25 -20.70 15.66
N LYS A 327 -12.29 -21.43 16.04
CA LYS A 327 -13.65 -20.85 16.15
C LYS A 327 -13.68 -19.55 16.93
N GLN A 328 -12.95 -19.56 18.06
CA GLN A 328 -12.86 -18.43 18.96
C GLN A 328 -12.25 -17.23 18.25
N ILE A 329 -11.21 -17.49 17.47
CA ILE A 329 -10.59 -16.41 16.70
C ILE A 329 -11.58 -15.88 15.70
N LYS A 330 -12.32 -16.77 15.04
CA LYS A 330 -13.31 -16.32 14.08
C LYS A 330 -14.36 -15.41 14.73
N ARG A 331 -14.88 -15.84 15.88
CA ARG A 331 -15.85 -15.02 16.61
C ARG A 331 -15.29 -13.64 16.93
N LYS A 332 -14.01 -13.59 17.31
CA LYS A 332 -13.35 -12.35 17.65
C LYS A 332 -13.25 -11.43 16.42
N ILE A 333 -12.92 -12.01 15.25
CA ILE A 333 -12.82 -11.21 14.04
C ILE A 333 -14.22 -10.71 13.61
N GLN A 334 -15.22 -11.57 13.71
CA GLN A 334 -16.59 -11.15 13.48
C GLN A 334 -17.06 -10.03 14.39
N GLU A 335 -16.67 -10.09 15.66
CA GLU A 335 -16.96 -9.04 16.65
C GLU A 335 -16.27 -7.71 16.27
N PHE A 336 -15.01 -7.82 15.82
CA PHE A 336 -14.26 -6.69 15.28
C PHE A 336 -15.02 -6.04 14.13
N HIS A 337 -15.39 -6.84 13.15
CA HIS A 337 -16.18 -6.37 11.98
C HIS A 337 -17.42 -5.59 12.37
N ARG A 338 -18.08 -6.08 13.41
CA ARG A 338 -19.33 -5.52 13.86
C ARG A 338 -19.23 -4.23 14.64
N THR A 339 -18.12 -4.02 15.30
CA THR A 339 -17.99 -2.95 16.28
C THR A 339 -16.95 -1.87 15.89
N MET A 340 -16.03 -2.22 14.99
CA MET A 340 -14.88 -1.35 14.73
C MET A 340 -15.24 0.04 14.14
N LEU A 341 -16.34 0.12 13.45
CA LEU A 341 -16.76 1.40 12.88
C LEU A 341 -17.24 2.37 13.95
N ASN A 342 -17.34 1.91 15.19
CA ASN A 342 -17.55 2.84 16.29
C ASN A 342 -16.31 3.43 16.93
N PHE A 343 -15.13 3.17 16.35
CA PHE A 343 -13.86 3.66 16.83
C PHE A 343 -13.40 4.83 15.94
N SER A 344 -12.60 5.70 16.49
CA SER A 344 -12.31 6.99 15.85
CA SER A 344 -12.27 7.00 15.87
C SER A 344 -11.02 7.01 15.02
N SER A 345 -10.17 5.97 15.15
CA SER A 345 -8.86 5.94 14.52
C SER A 345 -8.27 4.55 14.68
N ALA A 346 -7.20 4.28 13.95
CA ALA A 346 -6.46 3.04 14.16
C ALA A 346 -5.84 2.97 15.55
N THR A 347 -5.41 4.11 16.04
CA THR A 347 -4.88 4.22 17.39
C THR A 347 -5.92 3.77 18.43
N ASP A 348 -7.16 4.22 18.27
CA ASP A 348 -8.26 3.85 19.22
C ASP A 348 -8.47 2.34 19.09
N LEU A 349 -8.48 1.80 17.87
CA LEU A 349 -8.66 0.36 17.71
C LEU A 349 -7.56 -0.42 18.39
N LEU A 350 -6.32 -0.04 18.12
CA LEU A 350 -5.19 -0.78 18.64
C LEU A 350 -5.21 -0.79 20.17
N CYS A 351 -5.49 0.37 20.75
CA CYS A 351 -5.36 0.55 22.21
C CYS A 351 -6.60 0.05 22.95
N GLN A 352 -7.76 0.02 22.31
CA GLN A 352 -8.99 -0.28 23.04
C GLN A 352 -9.79 -1.48 22.56
N HIS A 353 -9.59 -1.95 21.35
CA HIS A 353 -10.46 -2.98 20.86
C HIS A 353 -10.09 -4.31 21.48
N SER A 354 -11.10 -5.08 21.88
CA SER A 354 -10.87 -6.37 22.51
C SER A 354 -10.11 -7.40 21.61
N LEU A 355 -10.15 -7.27 20.29
CA LEU A 355 -9.44 -8.17 19.40
C LEU A 355 -7.94 -8.25 19.76
N PHE A 356 -7.37 -7.15 20.20
CA PHE A 356 -5.92 -7.08 20.45
C PHE A 356 -5.48 -7.30 21.88
N LYS A 357 -6.43 -7.57 22.75
CA LYS A 357 -6.13 -7.76 24.16
C LYS A 357 -5.85 -9.23 24.44
N1 S1Z B . 2.56 1.75 -5.72
C7 S1Z B . 1.97 0.65 -6.18
C8 S1Z B . 3.65 1.30 -5.04
N2 S1Z B . 7.38 -4.50 -3.15
C9 S1Z B . 3.75 -0.07 -5.06
C1 S1Z B . 2.53 -4.95 -6.73
C5 S1Z B . 0.55 -0.77 -7.48
C6 S1Z B . 0.85 0.47 -7.03
N3 S1Z B . 7.68 -3.26 -2.68
C4 S1Z B . 1.26 -1.86 -6.93
C3 S1Z B . 0.07 -5.35 -6.42
C2 S1Z B . 1.20 -4.33 -6.36
N4 S1Z B . 2.64 -0.49 -5.82
O S1Z B . -1.18 -4.81 -6.02
C S1Z B . 3.13 -5.73 -5.59
N S1Z B . 0.81 -3.13 -7.08
N5 S1Z B . 2.31 -1.78 -6.14
C10 S1Z B . 4.81 -0.91 -4.46
C15 S1Z B . 4.93 -2.28 -4.67
C14 S1Z B . 5.95 -3.01 -4.05
C16 S1Z B . 6.36 -4.36 -3.97
C13 S1Z B . 6.85 -2.32 -3.20
C12 S1Z B . 6.74 -0.96 -2.99
C11 S1Z B . 5.74 -0.26 -3.63
NA NA C . 7.48 -3.42 5.73
C1 GOL D . 5.60 -4.93 12.43
O1 GOL D . 6.42 -5.26 11.29
C2 GOL D . 5.42 -3.41 12.46
O2 GOL D . 6.63 -2.91 13.06
C3 GOL D . 4.07 -3.01 13.14
O3 GOL D . 2.99 -3.63 12.37
C1 GOL E . -0.73 0.01 21.92
O1 GOL E . -1.43 -0.87 22.81
C2 GOL E . 0.48 0.64 22.60
O2 GOL E . 0.08 1.43 23.73
C3 GOL E . 1.44 -0.44 23.07
O3 GOL E . 2.77 -0.18 22.61
C1 MPD F . 5.39 18.41 5.73
C2 MPD F . 6.68 17.71 5.32
O2 MPD F . 7.68 17.97 6.30
CM MPD F . 6.46 16.19 5.37
C3 MPD F . 7.16 18.25 3.97
C4 MPD F . 8.39 19.18 4.05
O4 MPD F . 9.04 19.11 2.77
C5 MPD F . 8.04 20.63 4.40
#